data_2MB3
#
_entry.id   2MB3
#
loop_
_entity.id
_entity.type
_entity.pdbx_description
1 polymer "DNA_(5'-D(*TP*TP*GP*GP*GP*TP*TP*AP*GP*GP*GP*TP*TP*AP*GP*GP*GP*TP*TP*AP*GP*GP*GP*A)-3')"
2 non-polymer '(12S,27S)-12,27-bis(4-aminobutyl)-4,30-dimethyl-3,7,14,18,22,29-hexaoxa-11,26,31,32,33,34,35,36-octaazaheptacyclo[26.2. 1.1~2,5~.1~6,9~.1~13,16~.1~17,20~.1~21,24~]hexatriaconta-1(30),2(36),4,6(35),8,13(34),15,17(33),19,21(32),23,28(31)-dode caene-10,25-dione'
#
_entity_poly.entity_id   1
_entity_poly.type   'polydeoxyribonucleotide'
_entity_poly.pdbx_seq_one_letter_code
;(DT)(DT)(DG)(DG)(DG)(DT)(DT)(DA)(DG)(DG)(DG)(DT)(DT)(DA)(DG)(DG)(DG)(DT)(DT)(DA)
(DG)(DG)(DG)(DA)
;
_entity_poly.pdbx_strand_id   A
#